data_4EBJ
#
_entry.id   4EBJ
#
_cell.length_a   80.444
_cell.length_b   83.482
_cell.length_c   90.166
_cell.angle_alpha   90.00
_cell.angle_beta   90.00
_cell.angle_gamma   90.00
#
_symmetry.space_group_name_H-M   'P 21 21 21'
#
loop_
_entity.id
_entity.type
_entity.pdbx_description
1 polymer 'Aminoglycoside nucleotidyltransferase'
2 non-polymer 1,2-ETHANEDIOL
3 non-polymer 'SULFATE ION'
4 water water
#
_entity_poly.entity_id   1
_entity_poly.type   'polypeptide(L)'
_entity_poly.pdbx_seq_one_letter_code
;(MSE)GSSHHHHHHSSGRENLYFQGVQHTIARWVDRLREEYADAVAILLKGSYARGDAATWSDIDFDVLVSTQDVEDYRT
WIEPVGDRLVHISAAVEWVTGWERDTVDPSSWSYGLPTQETTRL(MSE)WAINDETRRRLDRPYKTHPAAEPEVEDTVEA
LGKIRNAIARGDDLGVYQSAQTVAKLVPTLLIPINPPVTVSHARQAIEAILAFPRVPVGFAADWLTCLGLVEERSARSTA
AAAER(MSE)VRGVLE(MSE)LPTDPDLLGEDIARL(MSE)NAGLLEKYVQQ
;
_entity_poly.pdbx_strand_id   A,B
#
# COMPACT_ATOMS: atom_id res chain seq x y z
N GLU A 15 -23.14 -7.68 -23.42
CA GLU A 15 -24.05 -8.53 -24.18
C GLU A 15 -24.68 -9.59 -23.29
N ASN A 16 -25.98 -9.76 -23.43
CA ASN A 16 -26.74 -10.69 -22.60
C ASN A 16 -26.23 -12.13 -22.69
N LEU A 17 -25.84 -12.56 -23.89
CA LEU A 17 -25.33 -13.92 -24.06
C LEU A 17 -24.03 -14.13 -23.29
N TYR A 18 -23.17 -13.11 -23.31
CA TYR A 18 -21.92 -13.18 -22.56
C TYR A 18 -22.20 -13.27 -21.06
N PHE A 19 -23.05 -12.38 -20.55
CA PHE A 19 -23.29 -12.37 -19.12
C PHE A 19 -24.09 -13.60 -18.65
N GLN A 20 -25.02 -14.07 -19.48
CA GLN A 20 -25.67 -15.34 -19.18
C GLN A 20 -24.64 -16.46 -19.19
N GLY A 21 -23.76 -16.42 -20.18
CA GLY A 21 -22.64 -17.35 -20.24
C GLY A 21 -21.77 -17.31 -19.00
N VAL A 22 -21.48 -16.12 -18.49
CA VAL A 22 -20.66 -16.00 -17.29
C VAL A 22 -21.41 -16.60 -16.09
N GLN A 23 -22.71 -16.33 -16.02
CA GLN A 23 -23.54 -16.87 -14.96
C GLN A 23 -23.47 -18.39 -14.96
N HIS A 24 -23.53 -18.98 -16.15
CA HIS A 24 -23.42 -20.43 -16.27
C HIS A 24 -22.03 -20.94 -15.90
N THR A 25 -21.00 -20.22 -16.31
CA THR A 25 -19.63 -20.55 -15.95
C THR A 25 -19.48 -20.57 -14.42
N ILE A 26 -20.04 -19.56 -13.76
CA ILE A 26 -20.05 -19.50 -12.30
C ILE A 26 -20.67 -20.75 -11.68
N ALA A 27 -21.85 -21.13 -12.16
CA ALA A 27 -22.53 -22.31 -11.64
C ALA A 27 -21.66 -23.56 -11.81
N ARG A 28 -21.12 -23.75 -13.01
CA ARG A 28 -20.25 -24.90 -13.31
CA ARG A 28 -20.28 -24.92 -13.27
C ARG A 28 -19.01 -24.92 -12.42
N TRP A 29 -18.45 -23.75 -12.17
CA TRP A 29 -17.22 -23.68 -11.40
C TRP A 29 -17.39 -24.11 -9.95
N VAL A 30 -18.59 -23.91 -9.41
CA VAL A 30 -18.82 -24.31 -8.03
C VAL A 30 -18.60 -25.81 -7.88
N ASP A 31 -19.14 -26.59 -8.81
CA ASP A 31 -18.96 -28.03 -8.80
C ASP A 31 -17.50 -28.41 -9.08
N ARG A 32 -16.89 -27.70 -10.01
CA ARG A 32 -15.50 -27.98 -10.36
CA ARG A 32 -15.50 -27.98 -10.36
C ARG A 32 -14.60 -27.76 -9.15
N LEU A 33 -14.86 -26.69 -8.41
CA LEU A 33 -14.05 -26.39 -7.21
C LEU A 33 -14.28 -27.45 -6.12
N ARG A 34 -15.53 -27.89 -5.95
CA ARG A 34 -15.82 -28.95 -4.99
C ARG A 34 -15.07 -30.23 -5.34
N GLU A 35 -15.07 -30.56 -6.62
CA GLU A 35 -14.50 -31.82 -7.06
C GLU A 35 -12.97 -31.79 -7.02
N GLU A 36 -12.40 -30.60 -7.13
CA GLU A 36 -10.94 -30.48 -7.06
C GLU A 36 -10.43 -30.42 -5.61
N TYR A 37 -11.21 -29.81 -4.72
CA TYR A 37 -10.78 -29.64 -3.34
C TYR A 37 -11.62 -30.48 -2.39
N ALA A 38 -11.15 -31.70 -2.12
CA ALA A 38 -11.88 -32.61 -1.26
C ALA A 38 -12.01 -32.06 0.15
N ASP A 39 -11.12 -31.14 0.51
CA ASP A 39 -11.13 -30.54 1.84
C ASP A 39 -11.94 -29.23 1.92
N ALA A 40 -12.67 -28.91 0.86
CA ALA A 40 -13.48 -27.70 0.86
C ALA A 40 -14.64 -27.79 1.86
N VAL A 41 -14.92 -26.69 2.53
CA VAL A 41 -16.07 -26.63 3.43
C VAL A 41 -17.07 -25.57 2.97
N ALA A 42 -16.63 -24.65 2.13
CA ALA A 42 -17.51 -23.62 1.58
C ALA A 42 -16.91 -22.97 0.34
N ILE A 43 -17.78 -22.52 -0.56
CA ILE A 43 -17.36 -21.80 -1.75
C ILE A 43 -18.23 -20.56 -1.83
N LEU A 44 -17.59 -19.40 -1.97
CA LEU A 44 -18.30 -18.12 -2.02
C LEU A 44 -17.89 -17.34 -3.25
N LEU A 45 -18.86 -16.71 -3.90
CA LEU A 45 -18.59 -15.79 -4.99
C LEU A 45 -18.26 -14.43 -4.40
N LYS A 46 -17.32 -13.73 -5.01
CA LYS A 46 -16.83 -12.46 -4.47
C LYS A 46 -16.79 -11.45 -5.59
N GLY A 47 -16.48 -10.20 -5.25
CA GLY A 47 -16.17 -9.21 -6.26
C GLY A 47 -17.34 -8.74 -7.10
N SER A 48 -17.04 -8.34 -8.33
CA SER A 48 -18.00 -7.68 -9.20
C SER A 48 -19.25 -8.51 -9.46
N TYR A 49 -19.07 -9.79 -9.71
CA TYR A 49 -20.23 -10.64 -9.98
C TYR A 49 -21.06 -10.90 -8.73
N ALA A 50 -20.42 -10.84 -7.56
CA ALA A 50 -21.18 -10.92 -6.30
C ALA A 50 -21.97 -9.65 -6.05
N ARG A 51 -21.42 -8.50 -6.45
CA ARG A 51 -22.10 -7.23 -6.24
C ARG A 51 -23.16 -6.95 -7.28
N GLY A 52 -23.02 -7.56 -8.45
CA GLY A 52 -23.91 -7.30 -9.57
C GLY A 52 -23.54 -6.07 -10.38
N ASP A 53 -22.26 -5.68 -10.34
CA ASP A 53 -21.81 -4.51 -11.10
C ASP A 53 -20.65 -4.83 -12.04
N ALA A 54 -20.63 -6.06 -12.55
CA ALA A 54 -19.55 -6.48 -13.44
C ALA A 54 -19.70 -5.88 -14.84
N ALA A 55 -18.57 -5.79 -15.53
CA ALA A 55 -18.55 -5.35 -16.91
C ALA A 55 -17.66 -6.29 -17.71
N THR A 56 -17.45 -5.97 -18.97
CA THR A 56 -16.74 -6.84 -19.91
C THR A 56 -15.49 -7.51 -19.34
N TRP A 57 -14.60 -6.72 -18.76
CA TRP A 57 -13.31 -7.25 -18.32
C TRP A 57 -13.24 -7.68 -16.85
N SER A 58 -14.39 -7.70 -16.18
CA SER A 58 -14.43 -8.12 -14.79
C SER A 58 -14.06 -9.57 -14.61
N ASP A 59 -13.36 -9.87 -13.52
CA ASP A 59 -13.00 -11.24 -13.20
C ASP A 59 -14.11 -11.93 -12.43
N ILE A 60 -14.21 -13.25 -12.61
CA ILE A 60 -15.02 -14.09 -11.75
C ILE A 60 -14.12 -14.44 -10.57
N ASP A 61 -14.52 -14.06 -9.36
CA ASP A 61 -13.71 -14.29 -8.16
C ASP A 61 -14.41 -15.24 -7.20
N PHE A 62 -13.71 -16.29 -6.76
CA PHE A 62 -14.22 -17.21 -5.75
C PHE A 62 -13.31 -17.26 -4.53
N ASP A 63 -13.90 -17.47 -3.36
CA ASP A 63 -13.17 -17.97 -2.21
C ASP A 63 -13.51 -19.43 -1.98
N VAL A 64 -12.48 -20.25 -1.84
CA VAL A 64 -12.67 -21.65 -1.52
C VAL A 64 -12.10 -21.87 -0.14
N LEU A 65 -12.98 -22.13 0.81
CA LEU A 65 -12.57 -22.28 2.20
C LEU A 65 -12.38 -23.75 2.48
N VAL A 66 -11.22 -24.12 3.01
CA VAL A 66 -10.89 -25.52 3.26
C VAL A 66 -10.66 -25.79 4.74
N SER A 67 -10.74 -27.05 5.11
CA SER A 67 -10.56 -27.45 6.50
C SER A 67 -9.08 -27.63 6.82
N THR A 68 -8.26 -27.70 5.78
CA THR A 68 -6.84 -27.94 5.95
C THR A 68 -6.15 -26.66 6.40
N GLN A 69 -5.48 -26.77 7.54
CA GLN A 69 -4.94 -25.61 8.23
C GLN A 69 -3.80 -24.95 7.47
N ASP A 70 -3.71 -23.63 7.61
CA ASP A 70 -2.62 -22.85 7.04
C ASP A 70 -2.45 -23.06 5.54
N VAL A 71 -3.55 -23.37 4.87
CA VAL A 71 -3.56 -23.43 3.42
C VAL A 71 -3.81 -22.04 2.87
N GLU A 72 -3.04 -21.65 1.86
CA GLU A 72 -3.29 -20.39 1.16
C GLU A 72 -2.73 -20.42 -0.26
N ASP A 73 -3.60 -20.73 -1.23
CA ASP A 73 -3.18 -20.76 -2.62
C ASP A 73 -4.06 -19.83 -3.45
N TYR A 74 -3.56 -19.42 -4.61
CA TYR A 74 -4.31 -18.61 -5.55
C TYR A 74 -4.34 -19.26 -6.92
N ARG A 75 -5.53 -19.63 -7.36
CA ARG A 75 -5.71 -20.34 -8.61
C ARG A 75 -6.19 -19.37 -9.67
N THR A 76 -5.83 -19.64 -10.92
CA THR A 76 -6.24 -18.83 -12.05
C THR A 76 -6.63 -19.70 -13.24
N TRP A 77 -7.74 -19.36 -13.88
CA TRP A 77 -8.15 -19.99 -15.12
C TRP A 77 -8.53 -18.93 -16.14
N ILE A 78 -8.42 -19.28 -17.41
CA ILE A 78 -8.92 -18.44 -18.49
C ILE A 78 -9.76 -19.33 -19.36
N GLU A 79 -11.07 -19.05 -19.38
CA GLU A 79 -12.05 -20.00 -19.88
C GLU A 79 -12.96 -19.40 -20.93
N PRO A 80 -13.31 -20.19 -21.95
CA PRO A 80 -14.16 -19.69 -23.03
C PRO A 80 -15.61 -19.46 -22.58
N VAL A 81 -16.14 -18.31 -22.97
CA VAL A 81 -17.57 -18.01 -22.85
C VAL A 81 -18.00 -17.50 -24.21
N GLY A 82 -18.64 -18.36 -25.00
CA GLY A 82 -18.89 -18.01 -26.39
C GLY A 82 -17.58 -17.79 -27.10
N ASP A 83 -17.44 -16.67 -27.80
CA ASP A 83 -16.21 -16.37 -28.50
C ASP A 83 -15.26 -15.51 -27.67
N ARG A 84 -15.58 -15.33 -26.39
CA ARG A 84 -14.70 -14.57 -25.50
C ARG A 84 -14.00 -15.49 -24.50
N LEU A 85 -13.02 -14.92 -23.80
CA LEU A 85 -12.38 -15.61 -22.69
C LEU A 85 -12.64 -14.81 -21.43
N VAL A 86 -12.91 -15.51 -20.34
CA VAL A 86 -13.11 -14.85 -19.05
C VAL A 86 -12.02 -15.30 -18.09
N HIS A 87 -11.58 -14.37 -17.25
CA HIS A 87 -10.58 -14.65 -16.24
C HIS A 87 -11.29 -15.08 -14.96
N ILE A 88 -10.92 -16.25 -14.45
CA ILE A 88 -11.45 -16.75 -13.20
C ILE A 88 -10.34 -16.88 -12.16
N SER A 89 -10.63 -16.45 -10.94
CA SER A 89 -9.67 -16.54 -9.83
CA SER A 89 -9.67 -16.57 -9.85
C SER A 89 -10.31 -17.25 -8.66
N ALA A 90 -9.53 -18.07 -7.95
CA ALA A 90 -10.02 -18.66 -6.71
C ALA A 90 -8.95 -18.54 -5.64
N ALA A 91 -9.31 -17.92 -4.52
CA ALA A 91 -8.44 -17.87 -3.36
C ALA A 91 -8.79 -19.05 -2.47
N VAL A 92 -7.81 -19.92 -2.23
CA VAL A 92 -8.04 -21.11 -1.43
C VAL A 92 -7.44 -20.85 -0.06
N GLU A 93 -8.27 -20.91 0.97
CA GLU A 93 -7.83 -20.51 2.30
C GLU A 93 -8.42 -21.37 3.41
N TRP A 94 -7.63 -21.60 4.45
CA TRP A 94 -8.13 -22.21 5.68
C TRP A 94 -9.32 -21.39 6.16
N VAL A 95 -10.42 -22.08 6.42
CA VAL A 95 -11.68 -21.42 6.75
C VAL A 95 -11.53 -20.51 7.97
N THR A 96 -10.81 -20.99 8.99
CA THR A 96 -10.65 -20.23 10.23
C THR A 96 -9.85 -18.95 10.01
N GLY A 97 -8.78 -19.03 9.22
CA GLY A 97 -7.98 -17.86 8.92
C GLY A 97 -8.78 -16.83 8.14
N TRP A 98 -9.63 -17.32 7.24
CA TRP A 98 -10.50 -16.45 6.44
C TRP A 98 -11.49 -15.73 7.36
N GLU A 99 -12.06 -16.46 8.31
CA GLU A 99 -13.03 -15.87 9.22
C GLU A 99 -12.37 -14.84 10.13
N ARG A 100 -11.15 -15.12 10.55
CA ARG A 100 -10.45 -14.25 11.48
C ARG A 100 -10.05 -12.89 10.89
N ASP A 101 -9.84 -12.82 9.58
CA ASP A 101 -9.32 -11.58 8.99
C ASP A 101 -10.32 -10.42 9.00
N THR A 102 -11.52 -10.69 9.51
CA THR A 102 -12.53 -9.67 9.73
C THR A 102 -12.01 -8.60 10.71
N VAL A 103 -11.03 -8.96 11.54
CA VAL A 103 -10.47 -8.01 12.50
C VAL A 103 -9.42 -7.07 11.90
N ASP A 104 -8.96 -7.38 10.69
CA ASP A 104 -7.93 -6.56 10.05
C ASP A 104 -8.53 -5.61 9.04
N PRO A 105 -8.06 -4.35 9.02
CA PRO A 105 -8.53 -3.39 8.02
C PRO A 105 -8.17 -3.83 6.59
N SER A 106 -8.98 -3.44 5.63
CA SER A 106 -8.67 -3.73 4.22
C SER A 106 -7.51 -2.85 3.75
N SER A 107 -6.81 -3.34 2.72
CA SER A 107 -5.64 -2.63 2.20
C SER A 107 -6.01 -1.65 1.08
N TRP A 108 -7.24 -1.75 0.59
CA TRP A 108 -7.61 -1.14 -0.67
C TRP A 108 -8.59 0.03 -0.55
N SER A 109 -8.96 0.38 0.69
CA SER A 109 -10.03 1.35 0.91
C SER A 109 -9.56 2.70 1.44
N TYR A 110 -8.27 3.00 1.32
CA TYR A 110 -7.68 4.19 1.94
C TYR A 110 -8.02 4.31 3.43
N GLY A 111 -8.11 3.18 4.11
CA GLY A 111 -8.40 3.19 5.54
C GLY A 111 -9.86 3.07 5.95
N LEU A 112 -10.78 3.21 4.99
CA LEU A 112 -12.19 3.13 5.31
C LEU A 112 -12.56 1.72 5.76
N PRO A 113 -13.55 1.63 6.66
CA PRO A 113 -14.08 0.30 6.99
C PRO A 113 -14.78 -0.25 5.76
N THR A 114 -14.81 -1.57 5.64
CA THR A 114 -15.35 -2.17 4.43
C THR A 114 -16.37 -3.26 4.69
N GLN A 115 -17.17 -3.51 3.67
CA GLN A 115 -18.05 -4.67 3.62
C GLN A 115 -17.62 -5.46 2.40
N GLU A 116 -16.83 -6.51 2.62
CA GLU A 116 -16.32 -7.35 1.55
C GLU A 116 -17.41 -8.32 1.12
N THR A 117 -18.04 -8.02 -0.02
CA THR A 117 -19.21 -8.76 -0.50
C THR A 117 -18.94 -10.26 -0.63
N THR A 118 -19.86 -11.06 -0.10
CA THR A 118 -19.76 -12.52 -0.16
C THR A 118 -21.11 -13.10 -0.54
N ARG A 119 -21.09 -14.01 -1.50
CA ARG A 119 -22.30 -14.74 -1.88
CA ARG A 119 -22.29 -14.74 -1.90
C ARG A 119 -22.02 -16.24 -1.77
N LEU A 120 -22.55 -16.86 -0.71
CA LEU A 120 -22.32 -18.28 -0.48
C LEU A 120 -22.99 -19.12 -1.56
N TRP A 122 -22.09 -22.71 -1.90
CA TRP A 122 -22.10 -24.07 -1.40
C TRP A 122 -21.39 -24.14 -0.06
N ALA A 123 -21.94 -24.94 0.86
CA ALA A 123 -21.25 -25.27 2.10
C ALA A 123 -21.47 -26.73 2.47
N ILE A 124 -20.55 -27.27 3.26
CA ILE A 124 -20.51 -28.71 3.49
C ILE A 124 -21.60 -29.22 4.43
N ASN A 125 -21.98 -28.40 5.42
CA ASN A 125 -23.03 -28.77 6.37
C ASN A 125 -23.78 -27.57 6.95
N ASP A 126 -24.80 -27.85 7.76
CA ASP A 126 -25.68 -26.81 8.31
C ASP A 126 -24.98 -25.81 9.21
N GLU A 127 -24.08 -26.28 10.06
CA GLU A 127 -23.35 -25.39 10.96
C GLU A 127 -22.47 -24.42 10.16
N THR A 128 -21.77 -24.93 9.16
CA THR A 128 -20.89 -24.11 8.34
C THR A 128 -21.71 -23.13 7.50
N ARG A 129 -22.77 -23.65 6.92
CA ARG A 129 -23.63 -22.86 6.05
C ARG A 129 -24.28 -21.71 6.81
N ARG A 130 -24.68 -21.97 8.06
CA ARG A 130 -25.30 -20.95 8.89
C ARG A 130 -24.31 -19.85 9.23
N ARG A 131 -23.06 -20.25 9.49
CA ARG A 131 -22.04 -19.32 9.92
C ARG A 131 -21.56 -18.44 8.77
N LEU A 132 -21.62 -18.98 7.56
CA LEU A 132 -21.03 -18.31 6.41
C LEU A 132 -22.03 -17.67 5.46
N ASP A 133 -23.32 -17.96 5.63
CA ASP A 133 -24.31 -17.32 4.78
C ASP A 133 -24.57 -15.89 5.24
N ARG A 134 -23.65 -14.99 4.90
CA ARG A 134 -23.75 -13.58 5.22
C ARG A 134 -23.52 -12.77 3.95
N PRO A 135 -24.07 -11.55 3.87
CA PRO A 135 -23.91 -10.70 2.67
C PRO A 135 -22.49 -10.15 2.49
N TYR A 136 -21.72 -10.07 3.57
CA TYR A 136 -20.35 -9.58 3.49
C TYR A 136 -19.55 -9.97 4.73
N LYS A 137 -18.24 -9.83 4.60
CA LYS A 137 -17.34 -9.86 5.74
C LYS A 137 -16.93 -8.42 6.01
N THR A 138 -17.03 -7.98 7.27
CA THR A 138 -16.65 -6.63 7.61
C THR A 138 -15.16 -6.51 7.91
N HIS A 139 -14.64 -5.29 7.77
CA HIS A 139 -13.31 -4.96 8.24
C HIS A 139 -13.35 -3.59 8.88
N PRO A 140 -12.59 -3.40 9.98
CA PRO A 140 -12.61 -2.10 10.65
C PRO A 140 -11.83 -1.04 9.89
N ALA A 141 -12.00 0.21 10.30
CA ALA A 141 -11.21 1.31 9.76
C ALA A 141 -9.77 1.16 10.22
N ALA A 142 -8.84 1.68 9.40
CA ALA A 142 -7.45 1.78 9.82
C ALA A 142 -7.35 2.85 10.89
N GLU A 143 -6.35 2.74 11.76
CA GLU A 143 -6.15 3.71 12.84
C GLU A 143 -5.56 5.01 12.33
N PRO A 144 -5.90 6.13 12.98
CA PRO A 144 -5.33 7.42 12.58
C PRO A 144 -3.80 7.42 12.64
N GLU A 145 -3.18 8.03 11.61
CA GLU A 145 -1.73 8.12 11.55
C GLU A 145 -1.29 9.59 11.47
N VAL A 146 -1.40 10.30 12.58
CA VAL A 146 -1.06 11.71 12.59
C VAL A 146 0.43 11.91 12.34
N GLU A 147 1.24 11.14 13.04
CA GLU A 147 2.69 11.33 12.95
C GLU A 147 3.19 11.12 11.53
N ASP A 148 2.74 10.05 10.88
CA ASP A 148 3.22 9.75 9.52
C ASP A 148 2.74 10.80 8.51
N THR A 149 1.60 11.41 8.79
CA THR A 149 1.08 12.46 7.93
C THR A 149 1.98 13.69 8.00
N VAL A 150 2.34 14.08 9.21
CA VAL A 150 3.23 15.21 9.43
C VAL A 150 4.62 14.92 8.85
N GLU A 151 5.14 13.71 9.07
CA GLU A 151 6.42 13.31 8.50
C GLU A 151 6.41 13.49 6.98
N ALA A 152 5.35 13.01 6.32
CA ALA A 152 5.26 13.14 4.88
C ALA A 152 5.19 14.60 4.42
N LEU A 153 4.51 15.45 5.17
CA LEU A 153 4.47 16.87 4.82
C LEU A 153 5.88 17.46 4.90
N GLY A 154 6.67 17.04 5.90
CA GLY A 154 8.04 17.49 6.00
C GLY A 154 8.84 17.08 4.77
N LYS A 155 8.60 15.87 4.28
CA LYS A 155 9.31 15.40 3.09
C LYS A 155 8.92 16.22 1.87
N ILE A 156 7.64 16.61 1.80
CA ILE A 156 7.21 17.47 0.70
C ILE A 156 7.95 18.81 0.74
N ARG A 157 8.05 19.39 1.94
CA ARG A 157 8.75 20.66 2.11
C ARG A 157 10.21 20.54 1.69
N ASN A 158 10.86 19.45 2.10
CA ASN A 158 12.25 19.23 1.70
C ASN A 158 12.40 19.09 0.19
N ALA A 159 11.45 18.39 -0.43
CA ALA A 159 11.51 18.17 -1.88
C ALA A 159 11.26 19.45 -2.66
N ILE A 160 10.36 20.30 -2.18
CA ILE A 160 10.19 21.63 -2.77
C ILE A 160 11.50 22.41 -2.69
N ALA A 161 12.12 22.39 -1.51
CA ALA A 161 13.35 23.14 -1.27
C ALA A 161 14.48 22.73 -2.19
N ARG A 162 14.56 21.44 -2.53
CA ARG A 162 15.64 20.99 -3.41
C ARG A 162 15.22 20.90 -4.89
N GLY A 163 13.98 21.28 -5.20
CA GLY A 163 13.52 21.29 -6.58
C GLY A 163 13.22 19.93 -7.17
N ASP A 164 12.86 18.99 -6.30
CA ASP A 164 12.60 17.60 -6.71
C ASP A 164 11.10 17.38 -6.87
N ASP A 165 10.59 17.62 -8.07
CA ASP A 165 9.15 17.53 -8.33
C ASP A 165 8.63 16.12 -8.06
N LEU A 166 9.36 15.09 -8.47
CA LEU A 166 8.90 13.71 -8.24
C LEU A 166 8.78 13.42 -6.76
N GLY A 167 9.72 13.94 -5.97
CA GLY A 167 9.67 13.78 -4.52
C GLY A 167 8.43 14.43 -3.93
N VAL A 168 8.08 15.61 -4.43
CA VAL A 168 6.84 16.28 -4.00
C VAL A 168 5.62 15.41 -4.37
N TYR A 169 5.56 14.95 -5.61
CA TYR A 169 4.42 14.13 -6.03
C TYR A 169 4.33 12.85 -5.20
N GLN A 170 5.47 12.20 -4.95
CA GLN A 170 5.46 10.95 -4.21
C GLN A 170 5.02 11.14 -2.76
N SER A 171 5.60 12.13 -2.08
CA SER A 171 5.24 12.31 -0.68
C SER A 171 3.85 12.90 -0.53
N ALA A 172 3.36 13.59 -1.56
CA ALA A 172 1.98 14.05 -1.53
C ALA A 172 1.01 12.86 -1.61
N GLN A 173 1.39 11.82 -2.34
CA GLN A 173 0.57 10.61 -2.34
C GLN A 173 0.52 9.98 -0.96
N THR A 174 1.65 10.01 -0.26
CA THR A 174 1.67 9.50 1.12
C THR A 174 0.67 10.27 1.98
N VAL A 175 0.72 11.60 1.91
CA VAL A 175 -0.21 12.43 2.66
C VAL A 175 -1.67 12.08 2.31
N ALA A 176 -1.96 11.96 1.03
CA ALA A 176 -3.33 11.67 0.58
C ALA A 176 -3.80 10.28 1.05
N LYS A 177 -2.88 9.33 1.13
CA LYS A 177 -3.27 7.99 1.60
C LYS A 177 -3.58 7.97 3.10
N LEU A 178 -3.02 8.92 3.84
CA LEU A 178 -3.15 8.92 5.30
C LEU A 178 -4.23 9.85 5.85
N VAL A 179 -4.51 10.94 5.13
CA VAL A 179 -5.50 11.90 5.61
C VAL A 179 -6.91 11.29 5.83
N PRO A 180 -7.36 10.35 4.97
CA PRO A 180 -8.68 9.78 5.28
C PRO A 180 -8.73 9.07 6.64
N THR A 181 -7.63 8.47 7.10
CA THR A 181 -7.59 7.87 8.44
C THR A 181 -7.89 8.88 9.54
N LEU A 182 -7.59 10.15 9.26
CA LEU A 182 -7.81 11.22 10.21
C LEU A 182 -9.24 11.75 10.11
N LEU A 183 -9.81 11.71 8.92
CA LEU A 183 -11.16 12.24 8.69
C LEU A 183 -12.26 11.26 9.10
N ILE A 184 -11.99 9.97 8.97
CA ILE A 184 -12.96 8.94 9.34
C ILE A 184 -13.66 9.15 10.71
N PRO A 185 -12.87 9.34 11.81
CA PRO A 185 -13.53 9.47 13.12
C PRO A 185 -14.40 10.71 13.27
N ILE A 186 -14.18 11.76 12.49
CA ILE A 186 -14.98 12.98 12.68
C ILE A 186 -16.09 13.13 11.65
N ASN A 187 -16.21 12.15 10.76
CA ASN A 187 -17.27 12.13 9.75
C ASN A 187 -18.30 11.05 10.04
N PRO A 188 -19.50 11.19 9.48
CA PRO A 188 -20.51 10.14 9.68
C PRO A 188 -19.96 8.79 9.21
N PRO A 189 -20.37 7.71 9.89
CA PRO A 189 -19.87 6.39 9.50
C PRO A 189 -20.22 6.07 8.05
N VAL A 190 -19.27 5.49 7.35
CA VAL A 190 -19.48 5.05 5.98
C VAL A 190 -18.59 3.85 5.71
N THR A 191 -19.15 2.81 5.09
CA THR A 191 -18.36 1.67 4.65
C THR A 191 -18.43 1.57 3.13
N VAL A 192 -17.43 0.91 2.54
CA VAL A 192 -17.42 0.67 1.10
C VAL A 192 -17.14 -0.80 0.80
N SER A 193 -17.52 -1.24 -0.39
CA SER A 193 -17.38 -2.64 -0.77
C SER A 193 -16.31 -2.85 -1.83
N HIS A 194 -15.80 -1.77 -2.42
CA HIS A 194 -14.74 -1.86 -3.42
C HIS A 194 -13.97 -0.55 -3.54
N ALA A 195 -12.79 -0.64 -4.15
CA ALA A 195 -11.85 0.47 -4.15
C ALA A 195 -12.38 1.75 -4.81
N ARG A 196 -13.09 1.61 -5.93
CA ARG A 196 -13.59 2.79 -6.62
C ARG A 196 -14.59 3.55 -5.74
N GLN A 197 -15.36 2.80 -4.95
CA GLN A 197 -16.33 3.39 -4.04
C GLN A 197 -15.66 4.11 -2.88
N ALA A 198 -14.48 3.67 -2.49
CA ALA A 198 -13.72 4.39 -1.46
C ALA A 198 -13.46 5.84 -1.89
N ILE A 199 -13.12 6.04 -3.16
CA ILE A 199 -12.92 7.41 -3.66
C ILE A 199 -14.21 8.22 -3.52
N GLU A 200 -15.32 7.60 -3.93
CA GLU A 200 -16.62 8.25 -3.84
C GLU A 200 -16.94 8.66 -2.39
N ALA A 201 -16.73 7.74 -1.45
CA ALA A 201 -17.07 7.98 -0.05
C ALA A 201 -16.21 9.11 0.53
N ILE A 202 -14.94 9.12 0.18
CA ILE A 202 -14.04 10.12 0.75
C ILE A 202 -14.34 11.50 0.17
N LEU A 203 -14.57 11.58 -1.14
CA LEU A 203 -14.98 12.85 -1.73
C LEU A 203 -16.27 13.38 -1.14
N ALA A 204 -17.09 12.46 -0.61
CA ALA A 204 -18.40 12.81 -0.06
C ALA A 204 -18.38 13.22 1.41
N PHE A 205 -17.22 13.11 2.08
CA PHE A 205 -17.17 13.43 3.50
C PHE A 205 -17.72 14.85 3.72
N PRO A 206 -18.66 15.01 4.65
CA PRO A 206 -19.22 16.35 4.85
C PRO A 206 -18.39 17.26 5.74
N ARG A 207 -17.51 16.69 6.57
CA ARG A 207 -16.71 17.47 7.49
CA ARG A 207 -16.71 17.47 7.49
C ARG A 207 -15.23 17.41 7.11
N VAL A 208 -14.78 18.42 6.36
CA VAL A 208 -13.45 18.41 5.77
C VAL A 208 -12.80 19.78 5.78
N PRO A 209 -11.47 19.82 5.67
CA PRO A 209 -10.81 21.12 5.73
C PRO A 209 -11.03 21.87 4.43
N VAL A 210 -10.81 23.19 4.46
CA VAL A 210 -10.88 23.98 3.23
C VAL A 210 -10.03 23.38 2.12
N GLY A 211 -10.63 23.24 0.94
CA GLY A 211 -9.93 22.73 -0.23
C GLY A 211 -9.94 21.22 -0.42
N PHE A 212 -10.53 20.49 0.52
CA PHE A 212 -10.24 19.06 0.63
C PHE A 212 -10.49 18.24 -0.62
N ALA A 213 -11.70 18.31 -1.17
CA ALA A 213 -12.07 17.38 -2.23
C ALA A 213 -11.08 17.47 -3.41
N ALA A 214 -10.84 18.70 -3.86
CA ALA A 214 -9.91 18.92 -4.95
C ALA A 214 -8.48 18.60 -4.55
N ASP A 215 -8.09 18.99 -3.34
CA ASP A 215 -6.73 18.80 -2.89
C ASP A 215 -6.38 17.33 -2.73
N TRP A 216 -7.36 16.53 -2.32
CA TRP A 216 -7.12 15.13 -2.09
C TRP A 216 -6.81 14.44 -3.42
N LEU A 217 -7.58 14.75 -4.45
CA LEU A 217 -7.29 14.16 -5.76
C LEU A 217 -5.94 14.64 -6.29
N THR A 218 -5.63 15.92 -6.07
CA THR A 218 -4.35 16.44 -6.51
C THR A 218 -3.18 15.71 -5.85
N CYS A 219 -3.26 15.56 -4.53
CA CYS A 219 -2.20 14.89 -3.80
C CYS A 219 -2.11 13.39 -4.12
N LEU A 220 -3.25 12.74 -4.34
N LEU A 220 -3.26 12.77 -4.33
CA LEU A 220 -3.21 11.32 -4.67
CA LEU A 220 -3.30 11.36 -4.71
C LEU A 220 -2.73 11.11 -6.11
C LEU A 220 -2.63 11.15 -6.06
N GLY A 221 -2.66 12.19 -6.89
CA GLY A 221 -2.19 12.08 -8.27
C GLY A 221 -3.28 11.37 -9.08
N LEU A 222 -4.50 11.87 -8.93
CA LEU A 222 -5.63 11.39 -9.73
C LEU A 222 -6.28 12.58 -10.44
N VAL A 223 -5.45 13.42 -11.04
CA VAL A 223 -5.93 14.62 -11.72
C VAL A 223 -5.31 14.75 -13.10
N GLU A 224 -5.88 15.65 -13.91
CA GLU A 224 -5.37 15.89 -15.25
C GLU A 224 -4.08 16.69 -15.20
N GLU A 225 -4.06 17.74 -14.38
CA GLU A 225 -2.94 18.68 -14.37
C GLU A 225 -2.60 19.12 -12.96
N ARG A 226 -1.30 19.20 -12.67
CA ARG A 226 -0.82 19.80 -11.43
C ARG A 226 0.67 20.10 -11.57
N SER A 227 1.21 20.84 -10.61
CA SER A 227 2.64 21.15 -10.60
C SER A 227 3.18 20.80 -9.22
N ALA A 228 4.49 20.85 -9.04
CA ALA A 228 5.04 20.62 -7.71
C ALA A 228 4.53 21.69 -6.73
N ARG A 229 4.52 22.94 -7.17
CA ARG A 229 4.04 24.04 -6.35
C ARG A 229 2.58 23.84 -5.95
N SER A 230 1.75 23.47 -6.91
CA SER A 230 0.31 23.38 -6.62
C SER A 230 0.03 22.16 -5.75
N THR A 231 0.83 21.12 -5.92
CA THR A 231 0.65 19.89 -5.16
C THR A 231 1.08 20.11 -3.72
N ALA A 232 2.22 20.77 -3.53
CA ALA A 232 2.67 21.04 -2.17
C ALA A 232 1.64 21.92 -1.46
N ALA A 233 1.10 22.91 -2.17
CA ALA A 233 0.11 23.80 -1.54
C ALA A 233 -1.14 23.04 -1.13
N ALA A 234 -1.56 22.08 -1.95
CA ALA A 234 -2.72 21.26 -1.62
C ALA A 234 -2.44 20.41 -0.38
N ALA A 235 -1.23 19.83 -0.30
CA ALA A 235 -0.88 19.01 0.84
C ALA A 235 -0.86 19.83 2.13
N GLU A 236 -0.29 21.03 2.05
CA GLU A 236 -0.26 21.94 3.19
C GLU A 236 -1.67 22.24 3.71
N ARG A 237 -2.58 22.56 2.79
CA ARG A 237 -3.95 22.85 3.22
C ARG A 237 -4.61 21.67 3.90
N VAL A 239 -3.25 18.99 5.45
CA VAL A 239 -2.65 18.60 6.72
C VAL A 239 -2.91 19.64 7.79
N ARG A 240 -2.66 20.91 7.47
CA ARG A 240 -2.91 21.98 8.42
C ARG A 240 -4.38 22.00 8.79
N GLY A 241 -5.23 21.83 7.78
CA GLY A 241 -6.66 21.87 7.98
C GLY A 241 -7.18 20.75 8.86
N VAL A 242 -6.75 19.52 8.57
CA VAL A 242 -7.30 18.41 9.31
C VAL A 242 -6.80 18.35 10.75
N LEU A 243 -5.56 18.79 10.99
CA LEU A 243 -5.02 18.72 12.36
C LEU A 243 -5.82 19.63 13.29
N GLU A 244 -6.35 20.72 12.75
CA GLU A 244 -7.15 21.66 13.54
C GLU A 244 -8.53 21.11 13.92
N LEU A 246 -9.26 17.84 14.83
CA LEU A 246 -9.24 16.60 15.61
C LEU A 246 -9.36 16.88 17.10
N PRO A 247 -10.15 16.05 17.79
CA PRO A 247 -10.22 16.16 19.24
C PRO A 247 -8.92 15.59 19.81
N THR A 248 -8.47 16.09 20.96
CA THR A 248 -7.20 15.63 21.54
C THR A 248 -7.37 14.33 22.34
N ASP A 249 -7.73 13.26 21.63
CA ASP A 249 -8.06 11.98 22.25
C ASP A 249 -6.86 11.05 22.17
N PRO A 250 -6.23 10.77 23.31
CA PRO A 250 -5.01 9.94 23.27
C PRO A 250 -5.25 8.51 22.86
N ASP A 251 -6.42 7.95 23.12
CA ASP A 251 -6.71 6.59 22.68
CA ASP A 251 -6.75 6.60 22.68
C ASP A 251 -6.94 6.54 21.17
N LEU A 252 -7.48 7.61 20.61
CA LEU A 252 -7.71 7.67 19.17
C LEU A 252 -6.42 7.98 18.43
N LEU A 253 -5.64 8.94 18.91
CA LEU A 253 -4.53 9.48 18.12
C LEU A 253 -3.15 9.07 18.62
N GLY A 254 -3.10 8.57 19.85
CA GLY A 254 -1.82 8.28 20.51
C GLY A 254 -1.58 9.23 21.67
N GLU A 255 -0.99 8.73 22.75
CA GLU A 255 -0.75 9.54 23.93
C GLU A 255 0.16 10.73 23.65
N ASP A 256 1.31 10.48 23.02
CA ASP A 256 2.24 11.56 22.72
C ASP A 256 1.62 12.60 21.80
N ILE A 257 0.91 12.13 20.77
CA ILE A 257 0.31 13.02 19.80
C ILE A 257 -0.72 13.93 20.48
N ALA A 258 -1.59 13.36 21.31
CA ALA A 258 -2.61 14.17 21.97
C ALA A 258 -1.96 15.20 22.90
N ARG A 259 -0.92 14.78 23.62
CA ARG A 259 -0.19 15.69 24.50
C ARG A 259 0.46 16.83 23.72
N LEU A 260 1.09 16.49 22.60
CA LEU A 260 1.77 17.50 21.78
C LEU A 260 0.76 18.49 21.21
N ASN A 262 -2.19 19.32 22.65
CA ASN A 262 -2.59 20.17 23.78
C ASN A 262 -1.52 21.17 24.22
N ALA A 263 -0.26 20.81 24.00
CA ALA A 263 0.86 21.67 24.39
C ALA A 263 1.07 22.77 23.37
N GLY A 264 0.40 22.63 22.23
CA GLY A 264 0.51 23.58 21.14
C GLY A 264 1.75 23.34 20.29
N LEU A 265 2.48 22.26 20.60
CA LEU A 265 3.74 21.96 19.91
C LEU A 265 3.60 21.44 18.48
N LEU A 266 2.54 20.71 18.20
CA LEU A 266 2.35 20.19 16.86
C LEU A 266 2.10 21.37 15.92
N GLU A 267 1.26 22.30 16.36
CA GLU A 267 0.96 23.49 15.58
C GLU A 267 2.22 24.35 15.38
N LYS A 268 2.94 24.57 16.47
CA LYS A 268 4.16 25.36 16.40
C LYS A 268 5.17 24.74 15.44
N TYR A 269 5.27 23.42 15.47
CA TYR A 269 6.22 22.73 14.58
C TYR A 269 5.82 22.93 13.11
N VAL A 270 4.54 22.72 12.81
CA VAL A 270 4.05 22.88 11.45
C VAL A 270 4.27 24.31 10.91
N GLN A 271 4.13 25.30 11.79
CA GLN A 271 4.12 26.71 11.37
C GLN A 271 5.45 27.44 11.49
N GLN A 272 6.48 26.76 11.96
CA GLN A 272 7.71 27.48 12.29
C GLN A 272 8.47 27.92 11.04
N GLU B 15 21.16 24.59 7.35
CA GLU B 15 22.15 25.50 7.94
C GLU B 15 23.05 24.76 8.93
N ASN B 16 24.33 25.11 8.91
CA ASN B 16 25.34 24.41 9.71
C ASN B 16 25.03 24.34 11.19
N LEU B 17 24.67 25.48 11.77
CA LEU B 17 24.38 25.54 13.20
C LEU B 17 23.22 24.62 13.57
N TYR B 18 22.18 24.58 12.74
CA TYR B 18 21.03 23.73 13.01
C TYR B 18 21.42 22.26 12.95
N PHE B 19 22.13 21.87 11.90
CA PHE B 19 22.47 20.46 11.74
C PHE B 19 23.51 20.02 12.78
N GLN B 20 24.38 20.92 13.21
CA GLN B 20 25.29 20.62 14.32
C GLN B 20 24.48 20.38 15.58
N GLY B 21 23.53 21.27 15.84
CA GLY B 21 22.64 21.12 16.97
C GLY B 21 21.88 19.79 16.93
N VAL B 22 21.46 19.38 15.74
CA VAL B 22 20.72 18.14 15.60
C VAL B 22 21.62 16.95 15.95
N GLN B 23 22.86 17.00 15.48
CA GLN B 23 23.82 15.95 15.81
C GLN B 23 23.99 15.79 17.32
N HIS B 24 24.11 16.91 18.03
CA HIS B 24 24.24 16.87 19.48
C HIS B 24 22.95 16.37 20.13
N THR B 25 21.82 16.76 19.54
CA THR B 25 20.53 16.31 20.04
C THR B 25 20.39 14.79 19.90
N ILE B 26 20.83 14.24 18.77
CA ILE B 26 20.72 12.80 18.54
C ILE B 26 21.50 12.04 19.61
N ALA B 27 22.74 12.46 19.87
CA ALA B 27 23.55 11.82 20.89
C ALA B 27 22.88 11.92 22.27
N ARG B 28 22.35 13.09 22.58
CA ARG B 28 21.71 13.30 23.87
C ARG B 28 20.47 12.41 24.00
N TRP B 29 19.68 12.31 22.94
CA TRP B 29 18.44 11.56 22.98
C TRP B 29 18.65 10.08 23.15
N VAL B 30 19.74 9.56 22.57
CA VAL B 30 20.05 8.16 22.73
C VAL B 30 20.23 7.85 24.22
N ASP B 31 20.93 8.72 24.94
CA ASP B 31 21.10 8.53 26.38
C ASP B 31 19.79 8.72 27.16
N ARG B 32 18.95 9.65 26.72
CA ARG B 32 17.63 9.81 27.34
C ARG B 32 16.81 8.53 27.17
N LEU B 33 16.87 7.94 25.98
CA LEU B 33 16.11 6.73 25.69
C LEU B 33 16.63 5.55 26.52
N ARG B 34 17.94 5.48 26.69
CA ARG B 34 18.55 4.46 27.55
C ARG B 34 18.00 4.56 28.97
N GLU B 35 17.89 5.79 29.47
CA GLU B 35 17.34 6.02 30.80
C GLU B 35 15.87 5.66 30.90
N GLU B 36 15.11 6.02 29.88
CA GLU B 36 13.68 5.78 29.91
C GLU B 36 13.33 4.30 29.76
N TYR B 37 14.08 3.61 28.90
CA TYR B 37 13.82 2.20 28.62
C TYR B 37 14.90 1.31 29.21
N ALA B 38 14.67 0.87 30.45
CA ALA B 38 15.63 0.05 31.16
C ALA B 38 15.81 -1.30 30.50
N ASP B 39 14.83 -1.70 29.70
CA ASP B 39 14.91 -2.96 28.97
C ASP B 39 15.48 -2.81 27.56
N ALA B 40 16.02 -1.63 27.24
CA ALA B 40 16.63 -1.46 25.93
C ALA B 40 17.90 -2.28 25.80
N VAL B 41 18.08 -2.90 24.64
CA VAL B 41 19.32 -3.62 24.34
C VAL B 41 20.10 -2.98 23.19
N ALA B 42 19.40 -2.21 22.35
CA ALA B 42 20.09 -1.52 21.27
C ALA B 42 19.24 -0.36 20.83
N ILE B 43 19.89 0.73 20.42
CA ILE B 43 19.19 1.85 19.84
C ILE B 43 19.85 2.18 18.49
N LEU B 44 19.04 2.27 17.45
CA LEU B 44 19.55 2.51 16.10
C LEU B 44 18.94 3.77 15.50
N LEU B 45 19.78 4.58 14.87
CA LEU B 45 19.32 5.73 14.10
C LEU B 45 18.92 5.25 12.71
N LYS B 46 17.83 5.83 12.18
CA LYS B 46 17.25 5.40 10.91
C LYS B 46 17.03 6.59 9.99
N GLY B 47 16.63 6.32 8.76
CA GLY B 47 16.17 7.38 7.87
C GLY B 47 17.27 8.33 7.43
N SER B 48 16.89 9.57 7.16
CA SER B 48 17.78 10.52 6.51
CA SER B 48 17.78 10.53 6.52
C SER B 48 19.01 10.90 7.35
N TYR B 49 18.84 11.01 8.67
CA TYR B 49 20.00 11.32 9.48
C TYR B 49 20.96 10.14 9.52
N ALA B 50 20.43 8.92 9.39
CA ALA B 50 21.31 7.76 9.34
C ALA B 50 22.07 7.71 8.00
N ARG B 51 21.42 8.16 6.93
CA ARG B 51 22.06 8.16 5.60
C ARG B 51 22.99 9.36 5.40
N GLY B 52 22.78 10.41 6.21
CA GLY B 52 23.55 11.64 6.06
C GLY B 52 23.00 12.56 4.98
N ASP B 53 21.73 12.43 4.66
CA ASP B 53 21.12 13.25 3.60
C ASP B 53 19.90 13.99 4.11
N ALA B 54 19.90 14.32 5.39
CA ALA B 54 18.78 15.05 5.99
C ALA B 54 18.70 16.48 5.53
N ALA B 55 17.50 17.05 5.63
CA ALA B 55 17.25 18.45 5.34
C ALA B 55 16.40 19.06 6.44
N THR B 56 15.99 20.32 6.23
CA THR B 56 15.36 21.13 7.27
C THR B 56 14.24 20.42 8.00
N TRP B 57 13.35 19.78 7.24
CA TRP B 57 12.16 19.18 7.84
C TRP B 57 12.26 17.68 8.11
N SER B 58 13.47 17.14 8.02
CA SER B 58 13.66 15.72 8.29
C SER B 58 13.46 15.42 9.76
N ASP B 59 12.96 14.23 10.04
CA ASP B 59 12.77 13.81 11.42
C ASP B 59 13.99 13.06 11.91
N ILE B 60 14.19 13.05 13.23
CA ILE B 60 15.17 12.16 13.84
C ILE B 60 14.42 10.88 14.18
N ASP B 61 14.80 9.77 13.57
CA ASP B 61 14.07 8.52 13.71
C ASP B 61 14.93 7.46 14.40
N PHE B 62 14.43 6.89 15.49
CA PHE B 62 15.13 5.83 16.19
C PHE B 62 14.33 4.54 16.20
N ASP B 63 15.03 3.42 16.18
CA ASP B 63 14.46 2.15 16.61
C ASP B 63 15.05 1.87 17.99
N VAL B 64 14.18 1.65 18.96
CA VAL B 64 14.62 1.28 20.32
C VAL B 64 14.25 -0.19 20.51
N LEU B 65 15.27 -1.05 20.56
CA LEU B 65 15.02 -2.49 20.62
C LEU B 65 15.12 -2.94 22.07
N VAL B 66 14.09 -3.67 22.53
CA VAL B 66 14.02 -4.06 23.93
C VAL B 66 14.00 -5.58 24.11
N SER B 67 14.32 -6.01 25.33
CA SER B 67 14.39 -7.43 25.64
C SER B 67 13.03 -8.00 25.99
N THR B 68 12.04 -7.13 26.12
CA THR B 68 10.68 -7.53 26.50
C THR B 68 9.86 -7.91 25.29
N GLN B 69 9.33 -9.13 25.26
CA GLN B 69 8.59 -9.60 24.08
C GLN B 69 7.26 -8.87 23.90
N ASP B 70 6.93 -8.60 22.64
CA ASP B 70 5.62 -8.11 22.21
C ASP B 70 5.38 -6.64 22.57
N VAL B 71 6.46 -5.96 22.94
CA VAL B 71 6.41 -4.52 23.04
C VAL B 71 6.37 -3.98 21.62
N GLU B 72 5.42 -3.10 21.34
CA GLU B 72 5.43 -2.41 20.06
C GLU B 72 4.77 -1.06 20.23
N ASP B 73 5.57 -0.04 20.47
CA ASP B 73 5.03 1.28 20.74
C ASP B 73 5.68 2.29 19.81
N TYR B 74 4.99 3.39 19.56
CA TYR B 74 5.50 4.42 18.68
C TYR B 74 5.46 5.74 19.41
N ARG B 75 6.65 6.31 19.64
CA ARG B 75 6.78 7.51 20.44
C ARG B 75 7.08 8.70 19.57
N THR B 76 6.63 9.87 20.01
CA THR B 76 6.86 11.11 19.28
C THR B 76 7.20 12.24 20.25
N TRP B 77 8.21 13.02 19.90
CA TRP B 77 8.56 14.21 20.65
C TRP B 77 8.76 15.36 19.67
N ILE B 78 8.50 16.58 20.14
CA ILE B 78 8.86 17.77 19.39
CA ILE B 78 8.84 17.78 19.39
C ILE B 78 9.76 18.60 20.29
N GLU B 79 11.03 18.72 19.87
CA GLU B 79 12.09 19.20 20.74
C GLU B 79 12.85 20.41 20.17
N PRO B 80 13.14 21.40 21.03
CA PRO B 80 13.92 22.57 20.60
C PRO B 80 15.35 22.21 20.22
N VAL B 81 15.78 22.73 19.07
CA VAL B 81 17.17 22.72 18.66
C VAL B 81 17.47 24.16 18.28
N GLY B 82 18.06 24.91 19.21
CA GLY B 82 18.19 26.34 19.01
C GLY B 82 16.80 26.94 18.90
N ASP B 83 16.59 27.75 17.87
CA ASP B 83 15.31 28.44 17.72
C ASP B 83 14.34 27.65 16.85
N ARG B 84 14.66 26.39 16.57
CA ARG B 84 13.76 25.56 15.78
C ARG B 84 13.24 24.41 16.62
N LEU B 85 12.23 23.72 16.09
CA LEU B 85 11.74 22.50 16.71
C LEU B 85 12.00 21.36 15.76
N VAL B 86 12.44 20.23 16.32
CA VAL B 86 12.67 19.04 15.52
C VAL B 86 11.71 17.93 15.94
N HIS B 87 11.22 17.19 14.96
CA HIS B 87 10.32 16.07 15.21
C HIS B 87 11.18 14.84 15.43
N ILE B 88 11.02 14.21 16.60
CA ILE B 88 11.75 12.97 16.93
C ILE B 88 10.75 11.81 17.05
N SER B 89 11.13 10.66 16.51
CA SER B 89 10.28 9.47 16.62
CA SER B 89 10.29 9.47 16.61
C SER B 89 11.08 8.29 17.14
N ALA B 90 10.41 7.40 17.86
CA ALA B 90 11.06 6.16 18.27
C ALA B 90 10.09 5.01 18.15
N ALA B 91 10.47 4.00 17.39
CA ALA B 91 9.68 2.77 17.31
C ALA B 91 10.30 1.83 18.33
N VAL B 92 9.53 1.51 19.37
CA VAL B 92 10.04 0.68 20.45
C VAL B 92 9.54 -0.73 20.19
N GLU B 93 10.47 -1.66 20.00
CA GLU B 93 10.11 -3.01 19.53
C GLU B 93 10.93 -4.09 20.22
N TRP B 94 10.32 -5.24 20.46
CA TRP B 94 11.06 -6.42 20.89
C TRP B 94 12.19 -6.71 19.91
N VAL B 95 13.40 -6.88 20.44
CA VAL B 95 14.58 -7.03 19.60
C VAL B 95 14.42 -8.18 18.59
N THR B 96 13.90 -9.31 19.06
CA THR B 96 13.78 -10.49 18.21
C THR B 96 12.79 -10.28 17.08
N GLY B 97 11.71 -9.57 17.37
CA GLY B 97 10.73 -9.20 16.36
C GLY B 97 11.33 -8.33 15.27
N TRP B 98 12.16 -7.38 15.67
CA TRP B 98 12.79 -6.47 14.72
C TRP B 98 13.75 -7.24 13.83
N GLU B 99 14.52 -8.15 14.42
CA GLU B 99 15.50 -8.93 13.65
C GLU B 99 14.79 -9.80 12.64
N ARG B 100 13.66 -10.36 13.05
CA ARG B 100 12.97 -11.34 12.22
C ARG B 100 12.38 -10.70 10.98
N ASP B 101 12.08 -9.41 11.02
CA ASP B 101 11.34 -8.84 9.88
C ASP B 101 12.19 -8.61 8.63
N THR B 102 13.46 -8.98 8.70
CA THR B 102 14.32 -9.01 7.54
C THR B 102 13.77 -9.99 6.50
N VAL B 103 12.91 -10.92 6.92
CA VAL B 103 12.37 -11.89 5.95
C VAL B 103 11.13 -11.36 5.22
N ASP B 104 10.64 -10.21 5.66
CA ASP B 104 9.41 -9.62 5.11
C ASP B 104 9.72 -8.44 4.17
N PRO B 105 9.07 -8.38 3.01
CA PRO B 105 9.29 -7.27 2.08
C PRO B 105 8.86 -5.93 2.67
N SER B 106 9.54 -4.87 2.26
CA SER B 106 9.18 -3.52 2.71
C SER B 106 7.90 -3.07 2.03
N SER B 107 7.17 -2.19 2.70
CA SER B 107 5.89 -1.74 2.16
C SER B 107 6.04 -0.48 1.30
N TRP B 108 7.23 0.10 1.32
CA TRP B 108 7.41 1.43 0.76
C TRP B 108 8.26 1.48 -0.51
N SER B 109 8.56 0.32 -1.08
CA SER B 109 9.53 0.24 -2.17
C SER B 109 8.95 -0.25 -3.50
N TYR B 110 7.62 -0.20 -3.64
CA TYR B 110 6.94 -0.78 -4.81
C TYR B 110 7.38 -2.22 -5.05
N GLY B 111 7.67 -2.94 -3.96
CA GLY B 111 8.06 -4.33 -4.04
C GLY B 111 9.54 -4.64 -4.19
N LEU B 112 10.36 -3.61 -4.40
N LEU B 112 10.37 -3.62 -4.41
CA LEU B 112 11.80 -3.82 -4.54
CA LEU B 112 11.80 -3.85 -4.60
C LEU B 112 12.37 -4.39 -3.25
C LEU B 112 12.47 -4.26 -3.29
N PRO B 113 13.47 -5.13 -3.37
CA PRO B 113 14.25 -5.48 -2.17
C PRO B 113 14.89 -4.22 -1.60
N THR B 114 15.07 -4.17 -0.28
CA THR B 114 15.58 -2.95 0.31
C THR B 114 16.77 -3.18 1.23
N GLN B 115 17.49 -2.09 1.46
CA GLN B 115 18.56 -2.05 2.44
C GLN B 115 18.19 -0.91 3.38
N GLU B 116 17.46 -1.25 4.43
CA GLU B 116 16.91 -0.25 5.36
C GLU B 116 18.06 0.24 6.25
N THR B 117 18.52 1.45 6.00
CA THR B 117 19.68 2.00 6.68
C THR B 117 19.57 1.97 8.20
N THR B 118 20.62 1.48 8.85
CA THR B 118 20.67 1.46 10.31
C THR B 118 22.04 1.93 10.76
N ARG B 119 22.06 2.79 11.77
CA ARG B 119 23.29 3.21 12.40
CA ARG B 119 23.29 3.23 12.38
C ARG B 119 23.17 2.97 13.88
N LEU B 120 23.91 1.99 14.39
CA LEU B 120 23.80 1.60 15.78
C LEU B 120 24.40 2.69 16.66
N TRP B 122 24.05 2.69 20.19
CA TRP B 122 24.37 2.13 21.49
C TRP B 122 23.84 0.70 21.50
N ALA B 123 24.53 -0.20 22.19
CA ALA B 123 23.97 -1.50 22.53
C ALA B 123 24.49 -1.92 23.90
N ILE B 124 23.76 -2.83 24.53
CA ILE B 124 23.94 -3.17 25.93
C ILE B 124 25.23 -3.96 26.20
N ASN B 125 25.64 -4.77 25.23
CA ASN B 125 26.89 -5.55 25.37
C ASN B 125 27.56 -5.76 24.01
N ASP B 126 28.79 -6.27 24.00
CA ASP B 126 29.49 -6.37 22.72
C ASP B 126 28.85 -7.43 21.83
N GLU B 127 28.25 -8.46 22.42
CA GLU B 127 27.59 -9.49 21.61
C GLU B 127 26.45 -8.88 20.80
N THR B 128 25.69 -7.99 21.43
CA THR B 128 24.59 -7.33 20.75
C THR B 128 25.13 -6.39 19.67
N ARG B 129 26.23 -5.71 19.96
CA ARG B 129 26.89 -4.91 18.95
C ARG B 129 27.33 -5.75 17.74
N ARG B 130 27.95 -6.89 18.01
CA ARG B 130 28.42 -7.75 16.94
C ARG B 130 27.26 -8.13 16.04
N ARG B 131 26.14 -8.48 16.66
CA ARG B 131 24.97 -8.95 15.92
C ARG B 131 24.24 -7.83 15.17
N LEU B 132 24.13 -6.65 15.79
CA LEU B 132 23.27 -5.60 15.25
C LEU B 132 23.97 -4.39 14.60
N ASP B 133 25.28 -4.26 14.79
CA ASP B 133 25.99 -3.16 14.16
C ASP B 133 26.28 -3.51 12.71
N ARG B 134 25.31 -3.21 11.86
CA ARG B 134 25.39 -3.43 10.43
C ARG B 134 24.91 -2.14 9.76
N PRO B 135 25.30 -1.92 8.51
CA PRO B 135 24.90 -0.68 7.83
C PRO B 135 23.43 -0.65 7.43
N TYR B 136 22.78 -1.81 7.37
CA TYR B 136 21.37 -1.87 7.02
C TYR B 136 20.79 -3.23 7.37
N LYS B 137 19.46 -3.27 7.43
CA LYS B 137 18.71 -4.51 7.52
C LYS B 137 18.10 -4.73 6.13
N THR B 138 18.32 -5.90 5.55
CA THR B 138 17.76 -6.18 4.23
C THR B 138 16.31 -6.64 4.29
N HIS B 139 15.59 -6.46 3.19
CA HIS B 139 14.27 -7.06 3.01
C HIS B 139 14.19 -7.58 1.57
N PRO B 140 13.52 -8.73 1.37
CA PRO B 140 13.43 -9.32 0.02
C PRO B 140 12.41 -8.64 -0.87
N ALA B 141 12.51 -8.94 -2.16
CA ALA B 141 11.53 -8.50 -3.13
C ALA B 141 10.17 -9.12 -2.85
N ALA B 142 9.12 -8.37 -3.13
CA ALA B 142 7.79 -8.94 -3.18
C ALA B 142 7.68 -9.85 -4.39
N GLU B 143 6.82 -10.87 -4.30
CA GLU B 143 6.62 -11.82 -5.37
C GLU B 143 5.91 -11.16 -6.56
N PRO B 144 6.20 -11.63 -7.79
CA PRO B 144 5.49 -11.15 -8.97
C PRO B 144 3.98 -11.36 -8.86
N GLU B 145 3.21 -10.35 -9.27
CA GLU B 145 1.76 -10.42 -9.22
C GLU B 145 1.18 -10.27 -10.62
N VAL B 146 1.34 -11.29 -11.47
CA VAL B 146 0.85 -11.22 -12.83
C VAL B 146 -0.66 -11.08 -12.91
N GLU B 147 -1.36 -11.94 -12.17
CA GLU B 147 -2.82 -11.95 -12.21
C GLU B 147 -3.41 -10.59 -11.82
N ASP B 148 -2.92 -10.02 -10.72
CA ASP B 148 -3.47 -8.76 -10.25
C ASP B 148 -3.17 -7.61 -11.22
N THR B 149 -2.05 -7.70 -11.92
CA THR B 149 -1.71 -6.70 -12.92
C THR B 149 -2.71 -6.73 -14.07
N VAL B 150 -3.01 -7.94 -14.55
CA VAL B 150 -3.96 -8.12 -15.62
C VAL B 150 -5.36 -7.68 -15.18
N GLU B 151 -5.73 -8.02 -13.94
CA GLU B 151 -7.03 -7.61 -13.43
CA GLU B 151 -7.00 -7.60 -13.35
C GLU B 151 -7.16 -6.09 -13.42
N ALA B 152 -6.11 -5.40 -12.99
CA ALA B 152 -6.12 -3.94 -12.95
C ALA B 152 -6.23 -3.33 -14.35
N LEU B 153 -5.54 -3.92 -15.32
CA LEU B 153 -5.69 -3.47 -16.71
C LEU B 153 -7.15 -3.64 -17.18
N GLY B 154 -7.77 -4.73 -16.77
CA GLY B 154 -9.17 -4.95 -17.09
C GLY B 154 -10.05 -3.86 -16.49
N LYS B 155 -9.73 -3.45 -15.26
CA LYS B 155 -10.49 -2.37 -14.63
C LYS B 155 -10.29 -1.04 -15.37
N ILE B 156 -9.07 -0.80 -15.86
CA ILE B 156 -8.83 0.38 -16.69
C ILE B 156 -9.75 0.34 -17.92
N ARG B 157 -9.81 -0.81 -18.57
CA ARG B 157 -10.63 -0.95 -19.78
C ARG B 157 -12.10 -0.71 -19.46
N ASN B 158 -12.58 -1.27 -18.35
CA ASN B 158 -13.97 -1.07 -17.97
C ASN B 158 -14.26 0.39 -17.68
N ALA B 159 -13.28 1.08 -17.06
CA ALA B 159 -13.45 2.49 -16.73
C ALA B 159 -13.45 3.38 -17.97
N ILE B 160 -12.59 3.07 -18.92
CA ILE B 160 -12.62 3.76 -20.22
C ILE B 160 -13.98 3.57 -20.86
N ALA B 161 -14.49 2.34 -20.82
CA ALA B 161 -15.75 2.02 -21.50
C ALA B 161 -16.94 2.80 -20.92
N ARG B 162 -16.88 3.10 -19.62
CA ARG B 162 -17.99 3.83 -19.00
C ARG B 162 -17.69 5.32 -18.81
N GLY B 163 -16.54 5.76 -19.28
CA GLY B 163 -16.16 7.16 -19.24
C GLY B 163 -15.82 7.67 -17.85
N ASP B 164 -15.29 6.79 -17.01
CA ASP B 164 -14.97 7.15 -15.63
C ASP B 164 -13.48 7.44 -15.50
N ASP B 165 -13.11 8.70 -15.72
CA ASP B 165 -11.69 9.10 -15.69
C ASP B 165 -11.01 8.77 -14.37
N LEU B 166 -11.69 9.02 -13.25
CA LEU B 166 -11.08 8.71 -11.95
C LEU B 166 -10.79 7.22 -11.79
N GLY B 167 -11.70 6.39 -12.30
CA GLY B 167 -11.50 4.95 -12.29
C GLY B 167 -10.27 4.55 -13.10
N VAL B 168 -10.09 5.18 -14.25
CA VAL B 168 -8.90 4.95 -15.07
C VAL B 168 -7.64 5.33 -14.29
N TYR B 169 -7.63 6.53 -13.72
CA TYR B 169 -6.47 6.98 -12.97
C TYR B 169 -6.18 6.05 -11.78
N GLN B 170 -7.23 5.63 -11.08
CA GLN B 170 -7.05 4.79 -9.91
C GLN B 170 -6.46 3.42 -10.26
N SER B 171 -7.06 2.77 -11.24
CA SER B 171 -6.59 1.44 -11.63
C SER B 171 -5.23 1.49 -12.32
N ALA B 172 -4.92 2.59 -13.00
CA ALA B 172 -3.58 2.75 -13.54
C ALA B 172 -2.55 2.83 -12.42
N GLN B 173 -2.92 3.40 -11.27
CA GLN B 173 -2.00 3.36 -10.14
C GLN B 173 -1.74 1.94 -9.69
N THR B 174 -2.78 1.11 -9.71
CA THR B 174 -2.61 -0.28 -9.31
C THR B 174 -1.64 -0.98 -10.22
N VAL B 175 -1.79 -0.75 -11.53
CA VAL B 175 -0.88 -1.34 -12.50
C VAL B 175 0.55 -0.88 -12.21
N ALA B 176 0.73 0.41 -11.98
CA ALA B 176 2.06 0.95 -11.76
C ALA B 176 2.70 0.39 -10.48
N LYS B 177 1.88 0.13 -9.46
N LYS B 177 1.90 0.14 -9.44
CA LYS B 177 2.38 -0.38 -8.18
CA LYS B 177 2.46 -0.38 -8.21
C LYS B 177 2.74 -1.85 -8.24
C LYS B 177 2.91 -1.82 -8.37
N LEU B 178 2.28 -2.54 -9.29
CA LEU B 178 2.54 -3.98 -9.46
C LEU B 178 3.60 -4.33 -10.48
N VAL B 179 3.76 -3.48 -11.50
CA VAL B 179 4.70 -3.77 -12.58
CA VAL B 179 4.69 -3.83 -12.57
C VAL B 179 6.17 -3.96 -12.13
N PRO B 180 6.62 -3.16 -11.13
CA PRO B 180 8.02 -3.38 -10.78
C PRO B 180 8.34 -4.80 -10.27
N THR B 181 7.37 -5.45 -9.62
CA THR B 181 7.46 -6.81 -9.19
C THR B 181 7.66 -7.77 -10.33
N LEU B 182 7.17 -7.39 -11.49
CA LEU B 182 7.29 -8.24 -12.65
C LEU B 182 8.67 -8.05 -13.25
N LEU B 183 9.20 -6.84 -13.12
CA LEU B 183 10.48 -6.50 -13.75
C LEU B 183 11.69 -6.94 -12.93
N ILE B 184 11.52 -7.00 -11.61
CA ILE B 184 12.61 -7.43 -10.73
C ILE B 184 13.33 -8.69 -11.20
N PRO B 185 12.57 -9.78 -11.51
CA PRO B 185 13.30 -11.01 -11.86
C PRO B 185 14.02 -10.98 -13.22
N ILE B 186 13.75 -9.99 -14.05
CA ILE B 186 14.46 -9.89 -15.33
C ILE B 186 15.45 -8.72 -15.38
N ASN B 187 15.76 -8.17 -14.22
CA ASN B 187 16.70 -7.08 -14.12
C ASN B 187 17.75 -7.40 -13.06
N PRO B 188 18.92 -6.74 -13.14
CA PRO B 188 19.92 -6.94 -12.07
C PRO B 188 19.41 -6.43 -10.72
N PRO B 189 19.92 -6.99 -9.62
CA PRO B 189 19.50 -6.58 -8.27
C PRO B 189 19.62 -5.08 -8.03
N VAL B 190 18.63 -4.49 -7.36
CA VAL B 190 18.62 -3.05 -7.12
C VAL B 190 19.06 -2.66 -5.71
N THR B 191 19.52 -1.42 -5.57
CA THR B 191 19.98 -0.91 -4.29
C THR B 191 19.02 0.19 -3.83
N VAL B 192 18.18 -0.11 -2.84
CA VAL B 192 17.16 0.85 -2.44
C VAL B 192 17.01 0.98 -0.91
N SER B 193 17.30 2.17 -0.37
CA SER B 193 17.29 2.38 1.08
C SER B 193 16.15 3.26 1.58
N HIS B 194 15.43 3.87 0.64
CA HIS B 194 14.27 4.69 0.99
C HIS B 194 13.35 4.85 -0.22
N ALA B 195 12.13 5.30 0.03
CA ALA B 195 11.10 5.33 -1.01
C ALA B 195 11.46 6.19 -2.21
N ARG B 196 12.09 7.33 -1.99
CA ARG B 196 12.44 8.18 -3.14
C ARG B 196 13.45 7.48 -4.05
N GLN B 197 14.35 6.71 -3.44
CA GLN B 197 15.33 5.96 -4.21
C GLN B 197 14.69 4.78 -4.96
N ALA B 198 13.55 4.28 -4.46
CA ALA B 198 12.83 3.23 -5.19
C ALA B 198 12.37 3.73 -6.56
N ILE B 199 11.87 4.96 -6.60
CA ILE B 199 11.53 5.57 -7.89
C ILE B 199 12.75 5.65 -8.80
N GLU B 200 13.88 6.12 -8.26
CA GLU B 200 15.09 6.25 -9.05
C GLU B 200 15.51 4.90 -9.61
N ALA B 201 15.45 3.85 -8.78
CA ALA B 201 15.84 2.52 -9.24
C ALA B 201 14.93 1.95 -10.33
N ILE B 202 13.63 2.19 -10.20
CA ILE B 202 12.67 1.64 -11.15
C ILE B 202 12.82 2.36 -12.50
N LEU B 203 12.93 3.69 -12.45
CA LEU B 203 13.19 4.46 -13.67
C LEU B 203 14.47 4.02 -14.35
N ALA B 204 15.43 3.51 -13.57
CA ALA B 204 16.72 3.10 -14.11
C ALA B 204 16.81 1.63 -14.54
N PHE B 205 15.74 0.85 -14.37
CA PHE B 205 15.76 -0.57 -14.77
C PHE B 205 16.22 -0.64 -16.24
N PRO B 206 17.22 -1.47 -16.52
CA PRO B 206 17.69 -1.51 -17.90
C PRO B 206 16.80 -2.34 -18.85
N ARG B 207 16.19 -3.41 -18.32
CA ARG B 207 15.41 -4.32 -19.15
CA ARG B 207 15.42 -4.35 -19.11
C ARG B 207 13.92 -4.04 -18.95
N VAL B 208 13.39 -3.23 -19.86
CA VAL B 208 12.04 -2.70 -19.73
C VAL B 208 11.41 -2.53 -21.11
N PRO B 209 10.07 -2.45 -21.16
CA PRO B 209 9.45 -2.27 -22.47
C PRO B 209 9.63 -0.84 -22.98
N VAL B 210 9.45 -0.65 -24.28
CA VAL B 210 9.47 0.68 -24.86
C VAL B 210 8.44 1.58 -24.15
N GLY B 211 8.87 2.79 -23.81
CA GLY B 211 8.01 3.77 -23.18
C GLY B 211 7.99 3.67 -21.67
N PHE B 212 8.70 2.70 -21.11
CA PHE B 212 8.51 2.35 -19.70
C PHE B 212 8.59 3.49 -18.68
N ALA B 213 9.70 4.22 -18.65
CA ALA B 213 9.90 5.17 -17.56
C ALA B 213 8.81 6.24 -17.54
N ALA B 214 8.47 6.74 -18.72
CA ALA B 214 7.43 7.75 -18.84
C ALA B 214 6.06 7.17 -18.53
N ASP B 215 5.80 5.99 -19.05
CA ASP B 215 4.51 5.35 -18.84
C ASP B 215 4.28 4.97 -17.36
N TRP B 216 5.36 4.59 -16.67
CA TRP B 216 5.25 4.22 -15.28
C TRP B 216 4.86 5.44 -14.43
N LEU B 217 5.51 6.57 -14.69
CA LEU B 217 5.17 7.79 -13.97
C LEU B 217 3.74 8.24 -14.29
N THR B 218 3.34 8.11 -15.56
CA THR B 218 1.99 8.48 -15.95
C THR B 218 0.96 7.62 -15.21
N CYS B 219 1.17 6.30 -15.20
CA CYS B 219 0.21 5.42 -14.51
C CYS B 219 0.22 5.61 -12.99
N LEU B 220 1.39 5.88 -12.41
CA LEU B 220 1.43 6.10 -10.96
C LEU B 220 0.79 7.45 -10.60
N GLY B 221 0.67 8.33 -11.60
CA GLY B 221 0.06 9.64 -11.42
C GLY B 221 1.04 10.77 -11.19
N LEU B 222 2.33 10.43 -11.17
CA LEU B 222 3.38 11.37 -10.77
C LEU B 222 3.85 12.22 -11.94
N VAL B 223 2.90 12.85 -12.61
CA VAL B 223 3.19 13.67 -13.78
C VAL B 223 2.43 14.99 -13.73
N GLU B 224 2.88 15.93 -14.54
CA GLU B 224 2.24 17.24 -14.64
C GLU B 224 0.93 17.20 -15.39
N GLU B 225 0.84 16.39 -16.44
CA GLU B 225 -0.33 16.40 -17.31
CA GLU B 225 -0.34 16.40 -17.29
C GLU B 225 -0.61 15.03 -17.92
N ARG B 226 -1.87 14.60 -17.83
CA ARG B 226 -2.30 13.39 -18.53
C ARG B 226 -3.81 13.42 -18.68
N SER B 227 -4.32 12.48 -19.48
CA SER B 227 -5.75 12.28 -19.60
C SER B 227 -6.09 10.82 -19.36
N ALA B 228 -7.38 10.53 -19.29
CA ALA B 228 -7.82 9.15 -19.16
C ALA B 228 -7.33 8.36 -20.38
N ARG B 229 -7.50 8.93 -21.58
CA ARG B 229 -7.06 8.27 -22.79
C ARG B 229 -5.56 8.00 -22.78
N SER B 230 -4.76 9.02 -22.43
CA SER B 230 -3.32 8.85 -22.47
C SER B 230 -2.82 7.90 -21.38
N THR B 231 -3.52 7.90 -20.25
CA THR B 231 -3.16 7.03 -19.14
C THR B 231 -3.44 5.57 -19.50
N ALA B 232 -4.60 5.33 -20.07
CA ALA B 232 -4.95 3.96 -20.47
C ALA B 232 -3.96 3.47 -21.53
N ALA B 233 -3.56 4.34 -22.45
CA ALA B 233 -2.64 3.92 -23.50
C ALA B 233 -1.26 3.56 -22.95
N ALA B 234 -0.84 4.31 -21.94
CA ALA B 234 0.42 4.03 -21.24
C ALA B 234 0.33 2.68 -20.50
N ALA B 235 -0.79 2.45 -19.82
CA ALA B 235 -0.98 1.20 -19.09
C ALA B 235 -0.99 0.01 -20.04
N GLU B 236 -1.63 0.16 -21.19
CA GLU B 236 -1.65 -0.90 -22.20
C GLU B 236 -0.24 -1.21 -22.70
N ARG B 237 0.53 -0.17 -23.03
CA ARG B 237 1.89 -0.37 -23.50
C ARG B 237 2.72 -1.11 -22.47
N VAL B 239 1.85 -2.90 -19.68
CA VAL B 239 1.46 -4.25 -19.29
C VAL B 239 1.72 -5.26 -20.40
N ARG B 240 1.33 -4.91 -21.62
CA ARG B 240 1.56 -5.80 -22.75
C ARG B 240 3.06 -5.99 -22.93
N GLY B 241 3.81 -4.91 -22.77
CA GLY B 241 5.24 -4.95 -22.94
C GLY B 241 5.96 -5.81 -21.92
N VAL B 242 5.59 -5.68 -20.65
CA VAL B 242 6.23 -6.44 -19.60
CA VAL B 242 6.25 -6.45 -19.62
C VAL B 242 5.87 -7.93 -19.68
N LEU B 243 4.59 -8.22 -19.92
CA LEU B 243 4.15 -9.62 -19.96
C LEU B 243 4.89 -10.43 -21.00
N GLU B 244 5.17 -9.83 -22.15
CA GLU B 244 5.83 -10.58 -23.21
C GLU B 244 7.33 -10.78 -22.93
N LEU B 246 8.40 -11.67 -19.73
CA LEU B 246 8.51 -12.57 -18.59
C LEU B 246 8.81 -14.00 -19.01
N PRO B 247 9.73 -14.66 -18.28
CA PRO B 247 9.91 -16.10 -18.54
C PRO B 247 8.71 -16.84 -17.98
N THR B 248 8.33 -17.94 -18.60
CA THR B 248 7.14 -18.66 -18.13
C THR B 248 7.54 -19.72 -17.10
N ASP B 249 8.02 -19.23 -15.96
CA ASP B 249 8.56 -20.05 -14.88
C ASP B 249 7.52 -20.22 -13.76
N PRO B 250 7.03 -21.44 -13.56
CA PRO B 250 6.01 -21.67 -12.52
C PRO B 250 6.50 -21.37 -11.11
N ASP B 251 7.78 -21.63 -10.84
CA ASP B 251 8.35 -21.32 -9.54
C ASP B 251 8.29 -19.82 -9.28
N LEU B 252 8.49 -19.04 -10.34
CA LEU B 252 8.54 -17.58 -10.22
C LEU B 252 7.14 -16.95 -10.18
N LEU B 253 6.29 -17.36 -11.12
CA LEU B 253 5.02 -16.65 -11.37
C LEU B 253 3.81 -17.38 -10.81
N GLY B 254 3.99 -18.65 -10.49
CA GLY B 254 2.89 -19.49 -10.07
C GLY B 254 2.59 -20.52 -11.16
N GLU B 255 2.14 -21.70 -10.74
CA GLU B 255 1.91 -22.78 -11.68
C GLU B 255 0.84 -22.49 -12.72
N ASP B 256 -0.30 -21.97 -12.30
CA ASP B 256 -1.40 -21.71 -13.24
C ASP B 256 -1.00 -20.63 -14.22
N ILE B 257 -0.40 -19.57 -13.69
CA ILE B 257 -0.02 -18.43 -14.52
C ILE B 257 0.98 -18.85 -15.58
N ALA B 258 2.01 -19.59 -15.18
CA ALA B 258 3.01 -20.09 -16.12
C ALA B 258 2.39 -20.96 -17.22
N ARG B 259 1.47 -21.83 -16.82
CA ARG B 259 0.83 -22.73 -17.77
C ARG B 259 -0.03 -21.94 -18.76
N LEU B 260 -0.75 -20.93 -18.24
CA LEU B 260 -1.62 -20.13 -19.09
C LEU B 260 -0.85 -19.31 -20.12
N ASN B 262 2.21 -20.06 -21.29
CA ASN B 262 2.80 -21.02 -22.22
C ASN B 262 1.78 -21.50 -23.24
N ALA B 263 0.53 -21.61 -22.80
CA ALA B 263 -0.56 -22.04 -23.66
C ALA B 263 -0.99 -20.94 -24.64
N GLY B 264 -0.54 -19.72 -24.38
CA GLY B 264 -0.91 -18.57 -25.20
C GLY B 264 -2.24 -17.97 -24.79
N LEU B 265 -2.83 -18.51 -23.72
CA LEU B 265 -4.15 -18.08 -23.26
C LEU B 265 -4.14 -16.70 -22.64
N LEU B 266 -3.06 -16.37 -21.93
CA LEU B 266 -3.01 -15.06 -21.31
C LEU B 266 -2.92 -13.97 -22.37
N GLU B 267 -2.09 -14.23 -23.39
CA GLU B 267 -1.97 -13.31 -24.51
C GLU B 267 -3.30 -13.18 -25.23
N LYS B 268 -3.95 -14.32 -25.47
CA LYS B 268 -5.24 -14.29 -26.15
C LYS B 268 -6.26 -13.49 -25.35
N TYR B 269 -6.25 -13.69 -24.04
CA TYR B 269 -7.18 -12.96 -23.18
C TYR B 269 -6.94 -11.45 -23.24
N VAL B 270 -5.69 -11.03 -23.11
CA VAL B 270 -5.36 -9.61 -23.10
C VAL B 270 -5.71 -8.96 -24.45
N GLN B 271 -5.52 -9.72 -25.54
CA GLN B 271 -5.65 -9.15 -26.88
C GLN B 271 -7.04 -9.26 -27.50
N GLN B 272 -7.94 -9.98 -26.84
CA GLN B 272 -9.22 -10.32 -27.45
C GLN B 272 -10.12 -9.10 -27.68
#